data_4J39
#
_entry.id   4J39
#
_cell.length_a   90.611
_cell.length_b   90.611
_cell.length_c   148.521
_cell.angle_alpha   90.00
_cell.angle_beta   90.00
_cell.angle_gamma   120.00
#
_symmetry.space_group_name_H-M   'H 3 2'
#
loop_
_entity.id
_entity.type
_entity.pdbx_description
1 polymer 'RNA silencing suppressor p19'
2 polymer "5'-R(P*CP*AP*GP*CP*AP*GP*CP*AP*GP*CP*CP*UP*GP*CP*UP*GP*CP*UP*G)-3'"
3 non-polymer 'SULFATE ION'
4 water water
#
loop_
_entity_poly.entity_id
_entity_poly.type
_entity_poly.pdbx_seq_one_letter_code
_entity_poly.pdbx_strand_id
1 'polypeptide(L)'
;GSHMTSPFKLPDESPSWTEWRLHNDETNSNQDNPLGFKESWGFGKVVFKRYLRYDRTEASLHRVLGSWTGDSVNYAASRF
FGFDQIGCTYSIRFRGVSITVSGGSRTLQHLCEMAIRSKQELLQLAP
;
A
2 'polyribonucleotide' CAGCAGCAGCCUGCUGCUG B
#
# COMPACT_ATOMS: atom_id res chain seq x y z
N MET A 4 0.22 -18.04 -4.04
CA MET A 4 1.24 -16.97 -4.38
C MET A 4 1.87 -16.26 -3.11
N THR A 5 3.17 -15.95 -3.11
CA THR A 5 3.85 -15.27 -1.98
C THR A 5 3.60 -13.72 -2.12
N SER A 6 3.02 -13.16 -1.09
CA SER A 6 2.64 -11.77 -1.13
C SER A 6 3.83 -10.86 -0.84
N PRO A 7 3.87 -9.63 -1.37
CA PRO A 7 4.85 -8.62 -0.87
C PRO A 7 4.52 -8.07 0.49
N PHE A 8 3.32 -8.34 0.99
CA PHE A 8 2.84 -7.78 2.25
C PHE A 8 3.21 -8.64 3.46
N LYS A 9 3.53 -7.98 4.58
CA LYS A 9 3.90 -8.60 5.86
C LYS A 9 2.83 -8.54 6.97
N LEU A 10 1.69 -7.92 6.68
CA LEU A 10 0.60 -7.85 7.57
C LEU A 10 -0.68 -8.27 6.79
N PRO A 11 -1.63 -8.86 7.51
CA PRO A 11 -2.86 -9.33 6.83
C PRO A 11 -3.77 -8.22 6.35
N ASP A 12 -4.69 -8.50 5.40
CA ASP A 12 -5.68 -7.48 5.05
C ASP A 12 -6.60 -7.17 6.20
N GLU A 13 -7.11 -5.93 6.22
CA GLU A 13 -7.94 -5.40 7.27
C GLU A 13 -9.17 -4.74 6.73
N SER A 14 -9.59 -5.19 5.54
CA SER A 14 -10.83 -4.61 4.98
C SER A 14 -12.00 -4.71 5.92
N PRO A 15 -12.83 -3.63 6.02
CA PRO A 15 -13.98 -3.74 6.85
C PRO A 15 -15.18 -4.40 6.14
N SER A 16 -16.04 -5.08 6.88
CA SER A 16 -17.27 -5.64 6.33
C SER A 16 -18.12 -4.45 5.92
N TRP A 17 -19.08 -4.74 5.07
CA TRP A 17 -20.02 -3.65 4.72
C TRP A 17 -20.75 -3.04 5.92
N THR A 18 -21.15 -3.86 6.88
CA THR A 18 -21.75 -3.36 8.11
C THR A 18 -20.80 -2.50 8.94
N GLU A 19 -19.55 -2.95 9.16
CA GLU A 19 -18.62 -2.06 9.93
C GLU A 19 -18.43 -0.71 9.26
N TRP A 20 -18.23 -0.73 7.98
CA TRP A 20 -18.11 0.52 7.18
C TRP A 20 -19.34 1.48 7.36
N ARG A 21 -20.53 0.95 7.29
CA ARG A 21 -21.78 1.74 7.50
C ARG A 21 -21.79 2.32 8.87
N LEU A 22 -21.43 1.51 9.90
CA LEU A 22 -21.41 1.98 11.25
C LEU A 22 -20.41 3.10 11.43
N HIS A 23 -19.23 2.97 10.79
CA HIS A 23 -18.24 3.99 10.90
C HIS A 23 -18.75 5.29 10.23
N ASN A 24 -19.42 5.11 9.12
CA ASN A 24 -19.96 6.25 8.35
C ASN A 24 -20.96 7.03 9.18
N ASP A 25 -21.89 6.35 9.85
CA ASP A 25 -22.91 6.99 10.75
C ASP A 25 -22.30 7.72 11.94
N GLU A 26 -21.13 7.28 12.40
CA GLU A 26 -20.43 7.78 13.60
C GLU A 26 -19.57 8.98 13.40
N THR A 27 -19.06 9.20 12.19
CA THR A 27 -18.07 10.28 11.94
C THR A 27 -18.69 11.47 11.23
N ASN A 30 -17.52 11.14 6.77
CA ASN A 30 -16.39 12.04 6.48
C ASN A 30 -15.20 11.34 5.77
N GLN A 31 -14.87 11.83 4.55
CA GLN A 31 -13.72 11.34 3.70
C GLN A 31 -12.33 11.57 4.32
N ASP A 32 -12.19 12.63 5.12
CA ASP A 32 -10.94 12.91 5.83
C ASP A 32 -10.70 12.06 7.08
N ASN A 33 -11.70 11.30 7.58
CA ASN A 33 -11.48 10.35 8.73
C ASN A 33 -11.94 8.90 8.50
N PRO A 34 -11.39 8.29 7.46
CA PRO A 34 -11.70 6.90 7.06
C PRO A 34 -11.15 5.94 8.09
N LEU A 35 -11.57 4.70 7.98
CA LEU A 35 -11.00 3.62 8.83
C LEU A 35 -9.53 3.40 8.56
N GLY A 36 -9.12 3.62 7.32
CA GLY A 36 -7.72 3.43 6.94
C GLY A 36 -7.42 3.80 5.53
N PHE A 37 -6.51 3.07 4.88
CA PHE A 37 -6.04 3.45 3.56
C PHE A 37 -5.94 2.14 2.75
N LYS A 38 -5.92 2.30 1.43
CA LYS A 38 -5.66 1.15 0.59
C LYS A 38 -4.33 1.26 -0.11
N GLU A 39 -3.61 0.10 -0.36
CA GLU A 39 -2.41 0.17 -1.07
C GLU A 39 -2.35 -1.15 -1.86
N SER A 40 -1.57 -1.13 -2.87
CA SER A 40 -1.38 -2.29 -3.76
C SER A 40 -0.04 -2.34 -4.44
N TRP A 41 0.44 -3.57 -4.74
CA TRP A 41 1.61 -3.82 -5.48
C TRP A 41 1.26 -4.77 -6.66
N GLY A 42 1.65 -4.34 -7.83
CA GLY A 42 1.44 -5.06 -9.10
C GLY A 42 2.76 -5.37 -9.73
N PHE A 43 2.88 -6.66 -10.20
CA PHE A 43 4.03 -7.18 -10.92
C PHE A 43 3.57 -7.92 -12.16
N GLY A 44 3.83 -7.33 -13.31
CA GLY A 44 3.15 -7.76 -14.56
C GLY A 44 1.66 -7.78 -14.38
N LYS A 45 1.04 -8.97 -14.53
CA LYS A 45 -0.41 -9.10 -14.45
C LYS A 45 -0.97 -9.30 -13.01
N VAL A 46 -0.11 -9.55 -12.04
CA VAL A 46 -0.54 -10.06 -10.78
C VAL A 46 -0.58 -8.84 -9.81
N VAL A 47 -1.69 -8.65 -9.11
CA VAL A 47 -1.82 -7.53 -8.18
C VAL A 47 -2.18 -8.05 -6.77
N PHE A 48 -1.53 -7.45 -5.74
CA PHE A 48 -1.71 -7.81 -4.37
C PHE A 48 -2.22 -6.51 -3.68
N LYS A 49 -3.18 -6.67 -2.81
CA LYS A 49 -3.87 -5.48 -2.25
C LYS A 49 -4.04 -5.54 -0.75
N ARG A 50 -4.00 -4.37 -0.07
CA ARG A 50 -4.28 -4.32 1.34
C ARG A 50 -5.15 -3.10 1.69
N TYR A 51 -6.13 -3.28 2.53
CA TYR A 51 -6.74 -2.16 3.27
C TYR A 51 -6.21 -2.29 4.69
N LEU A 52 -5.63 -1.20 5.24
CA LEU A 52 -4.96 -1.26 6.57
C LEU A 52 -5.56 -0.08 7.40
N ARG A 53 -5.83 -0.38 8.68
CA ARG A 53 -6.42 0.62 9.63
C ARG A 53 -5.36 1.59 9.93
N TYR A 54 -5.75 2.85 10.08
CA TYR A 54 -4.80 3.88 10.23
C TYR A 54 -5.49 5.04 10.92
N ASP A 55 -4.94 5.50 12.04
CA ASP A 55 -5.69 6.49 12.87
C ASP A 55 -4.91 7.77 13.11
N ARG A 56 -3.81 7.92 12.36
CA ARG A 56 -3.01 9.11 12.28
C ARG A 56 -2.24 9.40 13.51
N THR A 57 -1.99 8.39 14.33
CA THR A 57 -1.07 8.49 15.45
C THR A 57 0.29 8.02 15.02
N GLU A 58 1.30 8.29 15.86
CA GLU A 58 2.66 7.84 15.55
C GLU A 58 2.76 6.33 15.66
N ALA A 59 2.08 5.77 16.65
CA ALA A 59 2.01 4.33 16.81
C ALA A 59 1.44 3.60 15.56
N SER A 60 0.35 4.16 15.13
CA SER A 60 -0.34 3.60 13.90
C SER A 60 0.47 3.76 12.65
N LEU A 61 1.09 4.95 12.42
CA LEU A 61 2.03 5.18 11.30
C LEU A 61 3.15 4.14 11.25
N HIS A 62 3.79 3.94 12.41
CA HIS A 62 4.88 2.96 12.51
C HIS A 62 4.36 1.55 12.06
N ARG A 63 3.22 1.19 12.59
CA ARG A 63 2.68 -0.14 12.38
C ARG A 63 2.46 -0.32 10.86
N VAL A 64 1.77 0.64 10.25
CA VAL A 64 1.38 0.43 8.80
C VAL A 64 2.57 0.57 7.81
N LEU A 65 3.62 1.38 8.13
CA LEU A 65 4.81 1.49 7.38
C LEU A 65 5.50 0.12 7.39
N GLY A 66 5.17 -0.75 8.36
CA GLY A 66 5.78 -2.13 8.42
C GLY A 66 5.09 -3.08 7.47
N SER A 67 4.12 -2.62 6.65
CA SER A 67 3.28 -3.64 5.86
C SER A 67 4.05 -4.23 4.69
N TRP A 68 5.12 -3.61 4.27
CA TRP A 68 6.04 -4.09 3.27
C TRP A 68 7.38 -3.45 3.36
N THR A 69 8.41 -4.14 2.86
CA THR A 69 9.78 -3.61 2.84
C THR A 69 10.35 -3.81 1.45
N GLY A 70 11.47 -3.23 1.14
CA GLY A 70 12.17 -3.46 -0.13
C GLY A 70 12.44 -4.98 -0.31
N ASP A 71 12.85 -5.60 0.79
CA ASP A 71 13.09 -7.06 0.74
C ASP A 71 11.84 -7.89 0.48
N SER A 72 10.74 -7.64 1.21
CA SER A 72 9.46 -8.40 1.01
C SER A 72 8.97 -8.12 -0.39
N VAL A 73 9.11 -6.90 -0.94
CA VAL A 73 8.65 -6.63 -2.27
C VAL A 73 9.55 -7.39 -3.32
N ASN A 74 10.86 -7.39 -3.08
CA ASN A 74 11.72 -8.08 -4.04
C ASN A 74 11.49 -9.62 -4.02
N TYR A 75 11.25 -10.17 -2.85
CA TYR A 75 11.03 -11.61 -2.77
C TYR A 75 9.76 -11.93 -3.57
N ALA A 76 8.70 -11.20 -3.30
CA ALA A 76 7.46 -11.43 -4.04
C ALA A 76 7.58 -11.20 -5.52
N ALA A 77 8.20 -10.15 -5.94
CA ALA A 77 8.33 -9.76 -7.30
C ALA A 77 9.28 -10.73 -8.12
N SER A 78 10.27 -11.27 -7.48
CA SER A 78 11.33 -12.12 -8.16
C SER A 78 10.73 -13.43 -8.75
N ARG A 79 9.57 -13.82 -8.24
CA ARG A 79 8.82 -14.96 -8.77
C ARG A 79 8.40 -14.80 -10.22
N PHE A 80 8.20 -13.54 -10.59
CA PHE A 80 7.64 -13.18 -11.87
C PHE A 80 8.70 -12.74 -12.89
N PHE A 81 9.95 -12.74 -12.47
CA PHE A 81 11.05 -12.23 -13.27
C PHE A 81 11.64 -13.31 -14.21
N GLY A 82 12.31 -12.77 -15.20
CA GLY A 82 13.07 -13.50 -16.18
C GLY A 82 13.92 -12.52 -16.99
N PHE A 83 14.31 -12.96 -18.19
CA PHE A 83 15.12 -12.14 -19.07
C PHE A 83 14.42 -10.77 -19.46
N ASP A 84 13.18 -10.83 -19.92
CA ASP A 84 12.47 -9.60 -20.28
C ASP A 84 11.99 -8.82 -18.98
N GLN A 85 12.02 -7.46 -19.03
CA GLN A 85 11.49 -6.57 -17.99
C GLN A 85 9.98 -6.66 -17.96
N ILE A 86 9.39 -6.63 -16.77
CA ILE A 86 7.94 -6.48 -16.62
C ILE A 86 7.62 -5.15 -15.91
N GLY A 87 6.36 -4.75 -15.96
CA GLY A 87 5.93 -3.51 -15.33
C GLY A 87 5.64 -3.74 -13.87
N CYS A 88 6.08 -2.81 -13.04
CA CYS A 88 5.83 -2.90 -11.60
C CYS A 88 5.25 -1.61 -11.07
N THR A 89 4.26 -1.72 -10.19
CA THR A 89 3.51 -0.56 -9.74
C THR A 89 3.09 -0.63 -8.31
N TYR A 90 3.33 0.48 -7.56
CA TYR A 90 2.80 0.58 -6.22
C TYR A 90 1.74 1.69 -6.22
N SER A 91 0.61 1.49 -5.61
CA SER A 91 -0.41 2.53 -5.43
C SER A 91 -0.87 2.63 -4.04
N ILE A 92 -1.19 3.84 -3.58
CA ILE A 92 -1.76 4.05 -2.31
C ILE A 92 -2.87 5.18 -2.44
N ARG A 93 -3.98 5.00 -1.77
CA ARG A 93 -5.03 5.96 -1.74
C ARG A 93 -5.46 6.26 -0.29
N PHE A 94 -5.47 7.56 0.04
CA PHE A 94 -5.89 7.99 1.37
C PHE A 94 -6.55 9.38 1.26
N ARG A 95 -7.75 9.52 1.79
CA ARG A 95 -8.40 10.88 1.89
C ARG A 95 -8.51 11.60 0.51
N GLY A 96 -8.94 10.84 -0.49
CA GLY A 96 -9.22 11.44 -1.76
C GLY A 96 -8.04 11.54 -2.72
N VAL A 97 -6.81 11.25 -2.24
CA VAL A 97 -5.65 11.36 -3.07
C VAL A 97 -4.96 10.00 -3.27
N SER A 98 -4.69 9.70 -4.55
CA SER A 98 -4.00 8.48 -4.99
C SER A 98 -2.62 8.87 -5.50
N ILE A 99 -1.61 8.12 -5.05
CA ILE A 99 -0.29 8.19 -5.57
C ILE A 99 0.10 6.83 -6.18
N THR A 100 0.63 6.85 -7.38
CA THR A 100 1.10 5.61 -8.01
C THR A 100 2.59 5.76 -8.39
N VAL A 101 3.41 4.76 -8.14
CA VAL A 101 4.78 4.79 -8.48
C VAL A 101 5.02 3.58 -9.38
N SER A 102 5.53 3.81 -10.58
CA SER A 102 5.55 2.71 -11.61
C SER A 102 6.86 2.71 -12.41
N GLY A 103 7.27 1.53 -12.89
CA GLY A 103 8.29 1.48 -13.88
C GLY A 103 8.70 0.02 -14.09
N GLY A 104 9.78 -0.24 -14.81
CA GLY A 104 10.15 -1.62 -15.14
C GLY A 104 10.83 -2.34 -13.99
N SER A 105 10.84 -3.67 -14.00
CA SER A 105 11.50 -4.45 -12.90
C SER A 105 12.94 -4.12 -12.69
N ARG A 106 13.60 -3.66 -13.74
CA ARG A 106 15.02 -3.35 -13.59
C ARG A 106 15.18 -2.19 -12.59
N THR A 107 14.13 -1.42 -12.38
CA THR A 107 14.22 -0.25 -11.48
C THR A 107 13.59 -0.49 -10.10
N LEU A 108 13.29 -1.72 -9.74
CA LEU A 108 12.45 -1.98 -8.63
C LEU A 108 12.97 -1.39 -7.31
N GLN A 109 14.29 -1.42 -7.11
CA GLN A 109 14.85 -0.87 -5.87
C GLN A 109 14.46 0.66 -5.71
N HIS A 110 14.62 1.38 -6.79
CA HIS A 110 14.25 2.82 -6.81
C HIS A 110 12.71 2.97 -6.73
N LEU A 111 11.91 2.08 -7.36
CA LEU A 111 10.49 2.15 -7.14
C LEU A 111 10.14 1.98 -5.63
N CYS A 112 10.81 1.03 -4.91
CA CYS A 112 10.49 0.87 -3.51
C CYS A 112 10.82 2.11 -2.68
N GLU A 113 11.93 2.71 -3.09
CA GLU A 113 12.48 3.89 -2.28
C GLU A 113 11.49 5.04 -2.45
N MET A 114 11.01 5.22 -3.69
CA MET A 114 10.02 6.29 -3.91
C MET A 114 8.65 5.92 -3.32
N ALA A 115 8.27 4.66 -3.38
CA ALA A 115 6.98 4.17 -2.85
C ALA A 115 6.91 4.40 -1.32
N ILE A 116 7.98 4.12 -0.59
CA ILE A 116 7.91 4.21 0.84
C ILE A 116 7.85 5.71 1.32
N ARG A 117 8.56 6.54 0.55
CA ARG A 117 8.63 8.01 0.80
C ARG A 117 7.20 8.56 0.49
N SER A 118 6.59 8.06 -0.60
CA SER A 118 5.21 8.52 -0.95
C SER A 118 4.18 8.18 0.09
N LYS A 119 4.28 6.94 0.53
CA LYS A 119 3.38 6.42 1.54
C LYS A 119 3.52 7.32 2.82
N GLN A 120 4.71 7.42 3.30
CA GLN A 120 4.95 8.27 4.52
C GLN A 120 4.34 9.72 4.37
N GLU A 121 4.55 10.36 3.23
CA GLU A 121 4.12 11.77 3.08
C GLU A 121 2.63 11.86 2.98
N LEU A 122 2.01 10.88 2.28
CA LEU A 122 0.55 10.90 2.20
C LEU A 122 -0.16 10.69 3.51
N LEU A 123 0.34 9.73 4.28
CA LEU A 123 -0.24 9.35 5.55
C LEU A 123 -0.01 10.48 6.61
N GLN A 124 0.97 11.33 6.36
CA GLN A 124 1.25 12.44 7.33
C GLN A 124 0.73 13.79 6.87
N LEU A 125 0.07 13.84 5.73
CA LEU A 125 -0.36 15.13 5.18
C LEU A 125 -1.33 15.78 6.16
N ALA A 126 -1.16 17.08 6.40
CA ALA A 126 -1.98 17.80 7.38
C ALA A 126 -3.49 17.77 7.03
N PRO A 127 -4.35 17.92 8.06
CA PRO A 127 -5.82 17.92 7.84
C PRO A 127 -6.30 18.84 6.69
#